data_9I57
#
_entry.id   9I57
#
_cell.length_a   37.134
_cell.length_b   39.877
_cell.length_c   48.418
_cell.angle_alpha   91.78
_cell.angle_beta   100.11
_cell.angle_gamma   114.85
#
_symmetry.space_group_name_H-M   'P 1'
#
loop_
_entity.id
_entity.type
_entity.pdbx_description
1 polymer '5-hydroxymethyl-dUMP N-hydrolase'
2 non-polymer 'MAGNESIUM ION'
3 non-polymer '3-(3-methoxyphenyl)-4-[[4-[[(3~{S})-1-pyridazin-3-ylpyrrolidin-3-yl]amino]quinazolin-2-yl]amino]benzoic acid'
4 non-polymer 'CHLORIDE ION'
5 water water
#
_entity_poly.entity_id   1
_entity_poly.type   'polypeptide(L)'
_entity_poly.pdbx_seq_one_letter_code
;MRPALYFCGSIRGGREDRTLYERIVSRLRRFGTVLTEHVAAAELGARGEEAAGGDRLIHEQDLEWLQQADVVVAEVTQPS
LGVGYELGRAVAFNKRILCLFRPQSGRVLSAMIRGAADGSRFQVWDYEEGEVEALLDRYFEADPLEENLYFQ
;
_entity_poly.pdbx_strand_id   A,B
#
loop_
_chem_comp.id
_chem_comp.type
_chem_comp.name
_chem_comp.formula
A1IZW non-polymer '3-(3-methoxyphenyl)-4-[[4-[[(3~{S})-1-pyridazin-3-ylpyrrolidin-3-yl]amino]quinazolin-2-yl]amino]benzoic acid' 'C30 H27 N7 O3'
CL non-polymer 'CHLORIDE ION' 'Cl -1'
MG non-polymer 'MAGNESIUM ION' 'Mg 2'
#
# COMPACT_ATOMS: atom_id res chain seq x y z
N MET A 1 23.78 12.73 -14.89
CA MET A 1 23.75 11.73 -13.86
C MET A 1 22.98 10.50 -14.34
N ARG A 2 23.26 9.39 -13.69
CA ARG A 2 22.62 8.11 -14.03
C ARG A 2 21.12 8.17 -13.66
N PRO A 3 20.35 7.22 -14.18
CA PRO A 3 18.93 7.13 -13.81
C PRO A 3 18.74 6.92 -12.31
N ALA A 4 17.58 7.35 -11.85
CA ALA A 4 17.17 7.22 -10.44
C ALA A 4 16.15 6.10 -10.31
N LEU A 5 16.47 5.12 -9.50
CA LEU A 5 15.58 3.97 -9.31
C LEU A 5 15.10 4.01 -7.86
N TYR A 6 13.81 3.73 -7.67
CA TYR A 6 13.25 3.67 -6.33
C TYR A 6 12.99 2.19 -6.01
N PHE A 7 13.52 1.70 -4.90
CA PHE A 7 13.23 0.34 -4.43
C PHE A 7 12.41 0.44 -3.16
N CYS A 8 11.37 -0.36 -3.13
CA CYS A 8 10.44 -0.31 -2.10
C CYS A 8 10.16 -1.71 -1.54
N GLY A 9 10.35 -2.02 -0.26
CA GLY A 9 9.95 -3.28 0.36
C GLY A 9 9.46 -3.05 1.79
N SER A 10 8.89 -4.06 2.40
CA SER A 10 8.31 -3.94 3.75
C SER A 10 9.43 -3.76 4.73
N ILE A 11 9.28 -2.75 5.61
CA ILE A 11 10.28 -2.51 6.61
C ILE A 11 10.23 -3.64 7.68
N ARG A 12 9.13 -4.43 7.73
CA ARG A 12 9.04 -5.53 8.65
C ARG A 12 9.37 -6.85 7.99
N GLY A 13 10.01 -6.84 6.81
CA GLY A 13 10.43 -8.07 6.15
C GLY A 13 11.27 -8.96 7.05
N GLY A 14 11.03 -10.28 6.96
CA GLY A 14 11.81 -11.22 7.73
C GLY A 14 13.19 -11.45 7.15
N ARG A 15 13.96 -12.35 7.75
CA ARG A 15 15.32 -12.68 7.33
C ARG A 15 15.42 -12.99 5.83
N GLU A 16 14.52 -13.84 5.31
CA GLU A 16 14.53 -14.23 3.90
C GLU A 16 14.15 -13.04 3.02
N ASP A 17 13.11 -12.25 3.41
CA ASP A 17 12.71 -11.04 2.66
C ASP A 17 13.90 -10.08 2.58
N ARG A 18 14.66 -9.92 3.66
CA ARG A 18 15.81 -9.02 3.70
C ARG A 18 16.93 -9.41 2.74
N THR A 19 17.28 -10.69 2.65
CA THR A 19 18.32 -11.13 1.70
C THR A 19 17.84 -10.91 0.28
N LEU A 20 16.52 -11.07 0.00
CA LEU A 20 16.00 -10.78 -1.33
C LEU A 20 16.05 -9.29 -1.60
N TYR A 21 15.72 -8.43 -0.63
CA TYR A 21 15.78 -6.98 -0.87
C TYR A 21 17.25 -6.60 -1.18
N GLU A 22 18.24 -7.15 -0.49
CA GLU A 22 19.65 -6.80 -0.74
C GLU A 22 20.01 -7.27 -2.18
N ARG A 23 19.53 -8.46 -2.59
CA ARG A 23 19.78 -8.94 -3.95
C ARG A 23 19.17 -8.03 -5.00
N ILE A 24 17.96 -7.52 -4.78
CA ILE A 24 17.27 -6.68 -5.71
C ILE A 24 17.98 -5.34 -5.78
N VAL A 25 18.26 -4.67 -4.66
CA VAL A 25 18.97 -3.37 -4.65
C VAL A 25 20.34 -3.53 -5.37
N SER A 26 21.08 -4.58 -5.03
CA SER A 26 22.42 -4.80 -5.63
C SER A 26 22.29 -4.90 -7.16
N ARG A 27 21.23 -5.62 -7.64
CA ARG A 27 21.10 -5.73 -9.09
C ARG A 27 20.63 -4.43 -9.70
N LEU A 28 19.71 -3.73 -9.02
CA LEU A 28 19.24 -2.46 -9.56
C LEU A 28 20.37 -1.43 -9.74
N ARG A 29 21.41 -1.50 -8.88
CA ARG A 29 22.50 -0.52 -9.00
C ARG A 29 23.19 -0.60 -10.35
N ARG A 30 23.13 -1.77 -11.04
CA ARG A 30 23.68 -1.84 -12.39
C ARG A 30 22.98 -0.89 -13.36
N PHE A 31 21.77 -0.42 -13.03
CA PHE A 31 20.96 0.38 -13.91
C PHE A 31 20.90 1.87 -13.49
N GLY A 32 21.52 2.23 -12.36
CA GLY A 32 21.44 3.62 -11.88
C GLY A 32 21.48 3.66 -10.37
N THR A 33 21.22 4.85 -9.83
CA THR A 33 21.32 5.05 -8.40
C THR A 33 20.01 4.57 -7.78
N VAL A 34 20.13 3.78 -6.69
CA VAL A 34 18.95 3.30 -5.97
C VAL A 34 18.75 4.29 -4.80
N LEU A 35 17.74 5.16 -4.93
CA LEU A 35 17.56 6.25 -3.95
C LEU A 35 17.39 5.77 -2.55
N THR A 36 16.73 4.62 -2.37
CA THR A 36 16.40 4.07 -1.07
C THR A 36 17.39 3.03 -0.55
N GLU A 37 18.63 2.99 -1.14
CA GLU A 37 19.57 1.95 -0.77
C GLU A 37 19.96 1.92 0.67
N HIS A 38 20.08 3.10 1.33
CA HIS A 38 20.44 3.07 2.76
C HIS A 38 19.27 2.62 3.62
N VAL A 39 18.02 2.97 3.22
CA VAL A 39 16.86 2.54 3.99
C VAL A 39 16.74 1.04 3.91
N ALA A 40 16.92 0.48 2.71
CA ALA A 40 16.81 -0.97 2.57
C ALA A 40 17.95 -1.72 3.36
N ALA A 41 19.11 -1.09 3.46
CA ALA A 41 20.30 -1.65 4.11
C ALA A 41 20.26 -1.63 5.62
N ALA A 42 19.47 -0.74 6.21
CA ALA A 42 19.42 -0.60 7.68
C ALA A 42 19.07 -1.92 8.37
N GLU A 50 10.89 5.28 18.06
CA GLU A 50 10.57 6.22 16.99
C GLU A 50 11.68 6.12 15.95
N ALA A 51 11.35 5.96 14.66
CA ALA A 51 12.37 5.94 13.61
C ALA A 51 13.07 7.33 13.61
N ALA A 52 14.38 7.38 13.58
CA ALA A 52 15.13 8.64 13.68
C ALA A 52 14.77 9.64 12.58
N GLY A 53 14.48 10.85 12.98
CA GLY A 53 13.97 11.85 12.05
C GLY A 53 12.47 11.94 12.18
N GLY A 54 11.81 10.87 12.59
CA GLY A 54 10.36 10.93 12.81
C GLY A 54 9.58 10.64 11.54
N ASP A 55 8.34 10.28 11.77
CA ASP A 55 7.47 9.80 10.68
C ASP A 55 7.21 10.81 9.59
N ARG A 56 6.99 12.09 9.92
CA ARG A 56 6.69 13.09 8.91
C ARG A 56 7.89 13.27 8.01
N LEU A 57 9.11 13.38 8.59
CA LEU A 57 10.32 13.49 7.78
C LEU A 57 10.48 12.32 6.85
N ILE A 58 10.23 11.12 7.36
CA ILE A 58 10.34 9.88 6.52
C ILE A 58 9.35 9.88 5.40
N HIS A 59 8.09 10.27 5.71
CA HIS A 59 7.09 10.38 4.66
C HIS A 59 7.50 11.38 3.57
N GLU A 60 7.92 12.61 3.93
CA GLU A 60 8.29 13.60 2.93
C GLU A 60 9.51 13.13 2.13
N GLN A 61 10.47 12.41 2.78
CA GLN A 61 11.64 11.96 2.03
C GLN A 61 11.28 10.88 1.02
N ASP A 62 10.48 9.90 1.43
CA ASP A 62 10.13 8.89 0.40
C ASP A 62 9.27 9.52 -0.69
N LEU A 63 8.43 10.52 -0.38
CA LEU A 63 7.65 11.18 -1.43
C LEU A 63 8.55 11.91 -2.39
N GLU A 64 9.59 12.60 -1.86
CA GLU A 64 10.50 13.33 -2.76
C GLU A 64 11.26 12.35 -3.67
N TRP A 65 11.68 11.23 -3.11
CA TRP A 65 12.39 10.22 -3.91
C TRP A 65 11.44 9.53 -4.93
N LEU A 66 10.19 9.28 -4.53
CA LEU A 66 9.24 8.64 -5.47
C LEU A 66 9.02 9.60 -6.67
N GLN A 67 8.88 10.88 -6.38
CA GLN A 67 8.57 11.83 -7.43
C GLN A 67 9.73 11.97 -8.40
N GLN A 68 10.96 11.85 -7.91
CA GLN A 68 12.21 11.93 -8.67
C GLN A 68 12.52 10.66 -9.45
N ALA A 69 11.84 9.53 -9.14
CA ALA A 69 12.27 8.26 -9.73
C ALA A 69 11.95 8.09 -11.21
N ASP A 70 12.88 7.45 -11.89
CA ASP A 70 12.63 7.04 -13.28
C ASP A 70 11.84 5.71 -13.34
N VAL A 71 11.95 4.92 -12.30
CA VAL A 71 11.23 3.67 -12.20
C VAL A 71 11.07 3.34 -10.72
N VAL A 72 9.99 2.64 -10.37
CA VAL A 72 9.75 2.20 -9.01
C VAL A 72 9.66 0.69 -9.03
N VAL A 73 10.45 0.01 -8.23
CA VAL A 73 10.45 -1.46 -8.18
C VAL A 73 10.07 -1.79 -6.75
N ALA A 74 8.93 -2.48 -6.58
CA ALA A 74 8.46 -2.80 -5.25
C ALA A 74 8.45 -4.29 -5.02
N GLU A 75 8.90 -4.76 -3.87
CA GLU A 75 8.81 -6.19 -3.56
C GLU A 75 7.57 -6.21 -2.68
N VAL A 76 6.53 -6.88 -3.15
CA VAL A 76 5.20 -6.91 -2.54
C VAL A 76 4.80 -8.27 -1.94
N THR A 77 5.80 -9.15 -1.61
CA THR A 77 5.45 -10.43 -1.01
C THR A 77 4.90 -10.25 0.42
N GLN A 78 5.55 -9.39 1.21
CA GLN A 78 5.08 -9.13 2.57
C GLN A 78 4.07 -7.97 2.60
N PRO A 79 2.90 -8.19 3.19
CA PRO A 79 1.90 -7.11 3.28
C PRO A 79 2.49 -5.92 4.06
N SER A 80 2.33 -4.70 3.53
CA SER A 80 2.82 -3.49 4.21
C SER A 80 1.93 -2.36 3.79
N LEU A 81 1.44 -1.60 4.78
CA LEU A 81 0.70 -0.36 4.43
C LEU A 81 1.64 0.63 3.77
N GLY A 82 2.92 0.64 4.18
CA GLY A 82 3.84 1.61 3.59
C GLY A 82 4.12 1.32 2.13
N VAL A 83 4.39 0.03 1.80
CA VAL A 83 4.66 -0.30 0.37
C VAL A 83 3.41 0.01 -0.46
N GLY A 84 2.24 -0.34 0.06
CA GLY A 84 0.98 -0.08 -0.64
C GLY A 84 0.73 1.41 -0.85
N TYR A 85 0.99 2.24 0.19
CA TYR A 85 0.83 3.67 0.08
C TYR A 85 1.79 4.25 -0.93
N GLU A 86 3.05 3.79 -0.95
CA GLU A 86 4.00 4.32 -1.93
C GLU A 86 3.62 3.90 -3.32
N LEU A 87 3.01 2.72 -3.53
CA LEU A 87 2.55 2.32 -4.88
C LEU A 87 1.36 3.22 -5.27
N GLY A 88 0.46 3.54 -4.35
CA GLY A 88 -0.64 4.47 -4.70
C GLY A 88 -0.17 5.85 -5.07
N ARG A 89 0.84 6.38 -4.32
CA ARG A 89 1.41 7.67 -4.68
C ARG A 89 2.13 7.59 -6.02
N ALA A 90 2.84 6.48 -6.27
CA ALA A 90 3.58 6.30 -7.53
C ALA A 90 2.65 6.24 -8.69
N VAL A 91 1.50 5.51 -8.61
CA VAL A 91 0.58 5.48 -9.73
C VAL A 91 0.02 6.88 -9.97
N ALA A 92 -0.30 7.61 -8.90
CA ALA A 92 -0.81 8.97 -9.07
C ALA A 92 0.25 9.92 -9.69
N PHE A 93 1.53 9.66 -9.46
CA PHE A 93 2.62 10.38 -10.15
C PHE A 93 2.86 9.82 -11.56
N ASN A 94 2.08 8.84 -12.00
CA ASN A 94 2.21 8.19 -13.32
C ASN A 94 3.60 7.68 -13.57
N LYS A 95 4.15 6.99 -12.59
CA LYS A 95 5.48 6.38 -12.72
C LYS A 95 5.39 5.00 -13.34
N ARG A 96 6.55 4.59 -13.95
CA ARG A 96 6.77 3.23 -14.47
C ARG A 96 7.03 2.40 -13.21
N ILE A 97 6.21 1.36 -13.02
CA ILE A 97 6.21 0.55 -11.80
C ILE A 97 6.32 -0.91 -12.09
N LEU A 98 7.19 -1.58 -11.39
CA LEU A 98 7.25 -3.03 -11.43
C LEU A 98 7.11 -3.56 -10.01
N CYS A 99 6.12 -4.43 -9.78
CA CYS A 99 5.98 -5.14 -8.52
C CYS A 99 6.48 -6.57 -8.69
N LEU A 100 7.24 -7.09 -7.70
CA LEU A 100 7.75 -8.46 -7.68
C LEU A 100 7.12 -9.21 -6.48
N PHE A 101 6.43 -10.32 -6.77
CA PHE A 101 5.72 -11.03 -5.73
C PHE A 101 6.12 -12.50 -5.78
N ARG A 102 6.40 -13.08 -4.61
CA ARG A 102 6.73 -14.50 -4.56
C ARG A 102 5.46 -15.20 -4.16
N PRO A 103 4.85 -16.00 -5.04
CA PRO A 103 3.65 -16.74 -4.65
C PRO A 103 3.93 -17.95 -3.78
N GLN A 104 5.21 -18.32 -3.53
CA GLN A 104 5.51 -19.52 -2.77
C GLN A 104 4.73 -19.69 -1.46
N SER A 105 4.56 -18.61 -0.68
CA SER A 105 3.89 -18.77 0.62
C SER A 105 2.43 -19.22 0.49
N GLY A 106 1.84 -19.15 -0.70
CA GLY A 106 0.44 -19.50 -0.86
C GLY A 106 -0.48 -18.36 -0.51
N ARG A 107 0.06 -17.26 0.00
CA ARG A 107 -0.73 -16.08 0.28
C ARG A 107 -0.98 -15.42 -1.02
N VAL A 108 -2.13 -14.77 -1.11
CA VAL A 108 -2.62 -14.18 -2.29
C VAL A 108 -2.29 -12.70 -2.25
N LEU A 109 -1.78 -12.20 -3.37
CA LEU A 109 -1.48 -10.76 -3.47
C LEU A 109 -2.78 -10.01 -3.49
N SER A 110 -2.88 -8.86 -2.75
CA SER A 110 -4.05 -8.01 -2.86
C SER A 110 -4.54 -7.74 -4.26
N ALA A 111 -5.87 -7.88 -4.44
CA ALA A 111 -6.48 -7.52 -5.71
C ALA A 111 -6.25 -6.07 -6.11
N MET A 112 -6.00 -5.16 -5.13
CA MET A 112 -5.74 -3.78 -5.48
C MET A 112 -4.36 -3.60 -6.13
N ILE A 113 -3.43 -4.51 -5.85
CA ILE A 113 -2.13 -4.45 -6.52
C ILE A 113 -2.15 -5.24 -7.81
N ARG A 114 -2.66 -6.46 -7.75
CA ARG A 114 -2.75 -7.29 -8.98
C ARG A 114 -3.63 -6.59 -10.02
N GLY A 115 -4.70 -5.96 -9.55
CA GLY A 115 -5.67 -5.24 -10.39
C GLY A 115 -5.25 -3.86 -10.91
N ALA A 116 -4.16 -3.26 -10.30
CA ALA A 116 -3.61 -2.02 -10.83
C ALA A 116 -2.82 -2.27 -12.09
N ALA A 117 -2.39 -3.54 -12.38
CA ALA A 117 -1.55 -3.79 -13.54
C ALA A 117 -2.24 -3.43 -14.81
N ASP A 118 -1.53 -2.79 -15.72
CA ASP A 118 -2.02 -2.55 -17.05
C ASP A 118 -1.05 -3.25 -18.10
N GLY A 119 -0.10 -4.08 -17.62
CA GLY A 119 0.86 -4.80 -18.46
C GLY A 119 1.89 -3.94 -19.16
N SER A 120 1.90 -2.64 -18.91
CA SER A 120 2.86 -1.74 -19.56
C SER A 120 3.52 -0.87 -18.49
N ARG A 121 2.88 0.22 -18.14
CA ARG A 121 3.41 1.13 -17.13
C ARG A 121 3.39 0.55 -15.72
N PHE A 122 2.41 -0.32 -15.42
CA PHE A 122 2.32 -0.93 -14.08
C PHE A 122 2.29 -2.45 -14.33
N GLN A 123 3.34 -3.16 -13.91
CA GLN A 123 3.43 -4.59 -14.11
C GLN A 123 3.62 -5.29 -12.77
N VAL A 124 3.04 -6.47 -12.60
CA VAL A 124 3.18 -7.31 -11.45
C VAL A 124 3.67 -8.66 -11.90
N TRP A 125 4.83 -9.05 -11.45
CA TRP A 125 5.40 -10.33 -11.84
C TRP A 125 5.58 -11.23 -10.63
N ASP A 126 5.02 -12.44 -10.77
CA ASP A 126 5.27 -13.49 -9.82
C ASP A 126 6.66 -14.02 -10.10
N TYR A 127 7.39 -14.36 -9.05
CA TYR A 127 8.72 -14.92 -9.23
C TYR A 127 9.11 -15.88 -8.17
N GLU A 128 10.10 -16.71 -8.51
CA GLU A 128 10.72 -17.65 -7.59
C GLU A 128 12.03 -16.99 -7.14
N GLU A 129 12.39 -17.08 -5.87
CA GLU A 129 13.56 -16.37 -5.34
C GLU A 129 14.80 -16.43 -6.20
N GLY A 130 15.07 -17.58 -6.82
CA GLY A 130 16.34 -17.76 -7.54
C GLY A 130 16.54 -16.93 -8.79
N GLU A 131 15.45 -16.53 -9.42
CA GLU A 131 15.49 -15.87 -10.70
C GLU A 131 15.37 -14.35 -10.67
N VAL A 132 15.41 -13.75 -9.50
CA VAL A 132 15.11 -12.33 -9.43
C VAL A 132 16.07 -11.48 -10.23
N GLU A 133 17.38 -11.80 -10.21
CA GLU A 133 18.35 -11.02 -10.94
C GLU A 133 18.10 -11.12 -12.42
N ALA A 134 17.83 -12.34 -12.91
CA ALA A 134 17.54 -12.53 -14.32
C ALA A 134 16.29 -11.81 -14.81
N LEU A 135 15.27 -11.68 -13.94
CA LEU A 135 14.00 -10.99 -14.27
C LEU A 135 14.25 -9.45 -14.28
N LEU A 136 15.08 -8.94 -13.35
CA LEU A 136 15.41 -7.50 -13.42
C LEU A 136 16.20 -7.18 -14.67
N ASP A 137 17.17 -8.06 -15.04
CA ASP A 137 17.88 -7.84 -16.30
C ASP A 137 16.88 -7.86 -17.48
N ARG A 138 15.95 -8.80 -17.49
CA ARG A 138 14.95 -8.92 -18.55
C ARG A 138 14.09 -7.62 -18.69
N TYR A 139 13.67 -7.10 -17.55
CA TYR A 139 12.81 -5.90 -17.49
C TYR A 139 13.53 -4.70 -18.10
N PHE A 140 14.76 -4.45 -17.73
CA PHE A 140 15.51 -3.32 -18.28
C PHE A 140 16.02 -3.57 -19.68
N GLU A 141 16.32 -4.84 -20.07
CA GLU A 141 16.76 -5.09 -21.45
C GLU A 141 15.60 -4.78 -22.41
N ALA A 142 14.35 -5.07 -22.04
CA ALA A 142 13.16 -4.81 -22.86
C ALA A 142 12.79 -3.36 -23.00
N ASP A 143 13.13 -2.56 -22.01
CA ASP A 143 12.82 -1.12 -21.98
C ASP A 143 13.90 -0.48 -21.11
N PRO A 144 15.04 -0.15 -21.72
CA PRO A 144 16.15 0.36 -20.93
C PRO A 144 15.95 1.81 -20.51
N LEU A 145 16.63 2.19 -19.44
CA LEU A 145 16.70 3.57 -18.94
C LEU A 145 17.90 4.30 -19.65
N GLU A 146 18.94 3.54 -20.02
CA GLU A 146 20.11 4.07 -20.72
C GLU A 146 20.28 3.19 -21.93
N GLU A 147 20.61 3.79 -23.09
CA GLU A 147 20.81 3.01 -24.29
C GLU A 147 22.11 2.17 -24.24
N ASN A 148 22.12 0.97 -24.85
CA ASN A 148 23.33 0.14 -24.92
C ASN A 148 24.38 0.79 -25.81
N LEU A 149 25.66 0.56 -25.56
CA LEU A 149 26.69 1.05 -26.49
C LEU A 149 26.59 0.24 -27.83
N TYR A 150 27.23 0.73 -28.89
CA TYR A 150 27.26 0.01 -30.17
C TYR A 150 28.47 -0.96 -30.03
N PRO B 3 -23.08 12.98 3.40
CA PRO B 3 -21.85 12.62 2.70
C PRO B 3 -21.79 11.16 2.23
N ALA B 4 -20.87 10.93 1.30
CA ALA B 4 -20.56 9.60 0.83
C ALA B 4 -19.29 9.23 1.58
N LEU B 5 -19.36 8.13 2.35
CA LEU B 5 -18.26 7.74 3.17
C LEU B 5 -17.66 6.49 2.66
N TYR B 6 -16.35 6.46 2.63
CA TYR B 6 -15.63 5.28 2.16
C TYR B 6 -15.00 4.58 3.32
N PHE B 7 -15.42 3.36 3.67
CA PHE B 7 -14.72 2.60 4.69
C PHE B 7 -13.69 1.71 4.04
N CYS B 8 -12.44 1.82 4.46
CA CYS B 8 -11.34 1.08 3.91
C CYS B 8 -10.82 0.16 4.99
N GLY B 9 -10.82 -1.13 4.76
CA GLY B 9 -10.18 -2.05 5.69
C GLY B 9 -9.57 -3.18 4.91
N SER B 10 -8.85 -4.05 5.58
CA SER B 10 -8.10 -5.10 4.89
C SER B 10 -8.86 -6.38 4.79
N ILE B 11 -8.53 -7.21 3.83
CA ILE B 11 -9.11 -8.55 3.73
C ILE B 11 -8.76 -9.37 4.99
N ARG B 12 -7.49 -9.42 5.42
CA ARG B 12 -7.15 -10.12 6.67
C ARG B 12 -7.90 -9.52 7.88
N GLY B 13 -7.96 -8.20 7.96
CA GLY B 13 -8.70 -7.53 9.02
C GLY B 13 -10.18 -7.86 8.99
N GLY B 14 -10.75 -7.91 7.82
CA GLY B 14 -12.17 -8.22 7.65
C GLY B 14 -12.52 -9.63 8.03
N ARG B 15 -11.55 -10.55 7.88
CA ARG B 15 -11.70 -11.95 8.18
C ARG B 15 -11.55 -12.20 9.67
N GLU B 16 -10.60 -11.50 10.33
CA GLU B 16 -10.30 -11.68 11.77
C GLU B 16 -11.06 -10.71 12.70
N ASP B 17 -11.33 -9.51 12.21
CA ASP B 17 -12.03 -8.50 12.97
C ASP B 17 -13.35 -8.09 12.38
N ARG B 18 -14.17 -9.08 11.98
CA ARG B 18 -15.46 -8.86 11.35
C ARG B 18 -16.41 -8.06 12.19
N THR B 19 -16.54 -8.40 13.48
CA THR B 19 -17.46 -7.68 14.36
C THR B 19 -17.06 -6.21 14.48
N LEU B 20 -15.75 -5.92 14.54
CA LEU B 20 -15.26 -4.55 14.63
C LEU B 20 -15.57 -3.79 13.32
N TYR B 21 -15.30 -4.41 12.18
CA TYR B 21 -15.58 -3.77 10.88
C TYR B 21 -17.07 -3.49 10.72
N GLU B 22 -17.92 -4.42 11.20
CA GLU B 22 -19.37 -4.23 11.14
C GLU B 22 -19.73 -3.08 12.05
N ARG B 23 -19.09 -2.96 13.22
CA ARG B 23 -19.42 -1.89 14.14
C ARG B 23 -19.02 -0.53 13.52
N ILE B 24 -17.83 -0.45 12.84
CA ILE B 24 -17.42 0.80 12.26
C ILE B 24 -18.38 1.16 11.10
N VAL B 25 -18.67 0.18 10.25
CA VAL B 25 -19.58 0.47 9.14
C VAL B 25 -21.00 0.89 9.66
N SER B 26 -21.48 0.21 10.72
CA SER B 26 -22.77 0.55 11.28
C SER B 26 -22.83 1.97 11.81
N ARG B 27 -21.74 2.42 12.46
CA ARG B 27 -21.78 3.77 13.03
C ARG B 27 -21.65 4.82 11.91
N LEU B 28 -20.81 4.52 10.86
CA LEU B 28 -20.68 5.45 9.76
C LEU B 28 -22.03 5.65 9.04
N ARG B 29 -22.92 4.59 9.03
CA ARG B 29 -24.21 4.80 8.35
C ARG B 29 -25.06 5.83 8.97
N ARG B 30 -24.76 6.19 10.25
CA ARG B 30 -25.53 7.26 10.89
C ARG B 30 -25.24 8.63 10.25
N PHE B 31 -24.06 8.76 9.63
CA PHE B 31 -23.60 10.01 9.10
C PHE B 31 -23.76 10.13 7.60
N GLY B 32 -23.83 9.02 6.88
CA GLY B 32 -23.96 9.11 5.43
C GLY B 32 -24.04 7.76 4.78
N THR B 33 -23.85 7.72 3.45
CA THR B 33 -23.91 6.43 2.76
C THR B 33 -22.51 5.83 2.82
N VAL B 34 -22.36 4.54 3.08
CA VAL B 34 -21.05 3.91 3.20
C VAL B 34 -20.85 3.11 1.91
N LEU B 35 -19.98 3.64 1.04
CA LEU B 35 -19.82 3.09 -0.32
C LEU B 35 -19.35 1.66 -0.36
N THR B 36 -18.58 1.25 0.65
CA THR B 36 -18.05 -0.08 0.77
C THR B 36 -18.80 -0.98 1.76
N GLU B 37 -20.04 -0.64 2.06
CA GLU B 37 -20.86 -1.35 3.02
C GLU B 37 -21.09 -2.80 2.56
N HIS B 38 -21.15 -3.06 1.23
CA HIS B 38 -21.39 -4.43 0.76
C HIS B 38 -20.14 -5.22 0.52
N VAL B 39 -18.95 -4.65 0.88
CA VAL B 39 -17.67 -5.33 0.81
C VAL B 39 -17.14 -5.63 2.24
N ALA B 40 -17.23 -4.66 3.13
CA ALA B 40 -16.61 -4.70 4.46
C ALA B 40 -16.97 -5.87 5.33
N ALA B 41 -18.21 -6.32 5.27
CA ALA B 41 -18.61 -7.48 6.09
C ALA B 41 -19.35 -8.50 5.22
N ALA B 42 -18.98 -8.54 3.94
CA ALA B 42 -19.58 -9.47 3.02
C ALA B 42 -18.65 -10.72 2.97
N GLU B 43 -18.86 -11.65 2.00
CA GLU B 43 -18.01 -12.79 1.71
C GLU B 43 -16.65 -12.22 1.31
N LEU B 44 -15.67 -12.38 2.17
CA LEU B 44 -14.31 -11.93 1.86
C LEU B 44 -13.42 -13.10 1.44
N GLY B 45 -14.01 -14.26 1.14
CA GLY B 45 -13.24 -15.44 0.81
C GLY B 45 -12.45 -15.95 1.98
N ALA B 46 -11.64 -16.94 1.73
CA ALA B 46 -10.86 -17.59 2.77
C ALA B 46 -9.38 -17.48 2.46
N ARG B 47 -8.52 -17.73 3.44
CA ARG B 47 -7.06 -17.78 3.32
C ARG B 47 -6.65 -18.58 2.07
N GLY B 48 -5.76 -18.02 1.25
CA GLY B 48 -5.31 -18.69 0.04
C GLY B 48 -6.22 -18.54 -1.14
N GLU B 49 -7.41 -17.89 -0.98
CA GLU B 49 -8.30 -17.75 -2.14
C GLU B 49 -8.14 -16.43 -2.89
N GLU B 50 -8.19 -16.52 -4.22
CA GLU B 50 -8.16 -15.33 -5.06
C GLU B 50 -9.52 -14.62 -4.89
N ALA B 51 -9.56 -13.31 -5.18
CA ALA B 51 -10.80 -12.55 -5.08
C ALA B 51 -11.83 -13.09 -6.04
N ALA B 52 -13.03 -13.37 -5.54
CA ALA B 52 -14.07 -13.88 -6.39
C ALA B 52 -14.44 -12.98 -7.55
N GLY B 53 -14.46 -11.66 -7.36
CA GLY B 53 -14.99 -10.75 -8.37
C GLY B 53 -14.13 -10.34 -9.53
N GLY B 54 -12.84 -10.72 -9.51
CA GLY B 54 -11.89 -10.36 -10.57
C GLY B 54 -11.01 -9.20 -10.13
N ASP B 55 -9.65 -9.28 -10.27
CA ASP B 55 -8.81 -8.20 -9.70
C ASP B 55 -8.98 -6.87 -10.34
N ARG B 56 -8.99 -6.76 -11.67
CA ARG B 56 -9.18 -5.48 -12.31
C ARG B 56 -10.54 -4.91 -12.02
N LEU B 57 -11.61 -5.73 -12.04
CA LEU B 57 -12.96 -5.21 -11.70
C LEU B 57 -12.93 -4.54 -10.32
N ILE B 58 -12.30 -5.23 -9.36
CA ILE B 58 -12.18 -4.75 -7.97
C ILE B 58 -11.38 -3.46 -7.89
N HIS B 59 -10.27 -3.41 -8.62
CA HIS B 59 -9.44 -2.20 -8.59
C HIS B 59 -10.21 -0.99 -9.13
N GLU B 60 -10.87 -1.15 -10.29
CA GLU B 60 -11.60 -0.05 -10.87
C GLU B 60 -12.79 0.37 -9.99
N GLN B 61 -13.48 -0.60 -9.33
CA GLN B 61 -14.64 -0.25 -8.52
C GLN B 61 -14.21 0.51 -7.29
N ASP B 62 -13.15 0.03 -6.60
CA ASP B 62 -12.70 0.81 -5.42
C ASP B 62 -12.20 2.18 -5.82
N LEU B 63 -11.53 2.25 -6.97
CA LEU B 63 -11.05 3.57 -7.40
C LEU B 63 -12.18 4.54 -7.68
N GLU B 64 -13.24 4.02 -8.31
CA GLU B 64 -14.42 4.86 -8.60
C GLU B 64 -15.08 5.35 -7.28
N TRP B 65 -15.26 4.46 -6.28
CA TRP B 65 -15.81 4.87 -5.01
C TRP B 65 -14.89 5.88 -4.26
N LEU B 66 -13.57 5.66 -4.32
CA LEU B 66 -12.61 6.60 -3.69
C LEU B 66 -12.76 8.00 -4.25
N GLN B 67 -12.86 8.11 -5.59
CA GLN B 67 -12.96 9.44 -6.20
C GLN B 67 -14.24 10.14 -5.80
N GLN B 68 -15.33 9.38 -5.58
CA GLN B 68 -16.64 9.91 -5.23
C GLN B 68 -16.78 10.23 -3.76
N ALA B 69 -15.88 9.71 -2.93
CA ALA B 69 -16.05 9.84 -1.50
C ALA B 69 -15.86 11.27 -0.98
N ASP B 70 -16.57 11.62 0.08
CA ASP B 70 -16.35 12.88 0.79
C ASP B 70 -15.35 12.69 1.93
N VAL B 71 -15.30 11.47 2.52
CA VAL B 71 -14.39 11.12 3.61
C VAL B 71 -13.97 9.69 3.46
N VAL B 72 -12.70 9.40 3.71
CA VAL B 72 -12.19 8.03 3.70
C VAL B 72 -11.81 7.66 5.17
N VAL B 73 -12.44 6.62 5.74
CA VAL B 73 -12.20 6.14 7.09
C VAL B 73 -11.54 4.80 6.95
N ALA B 74 -10.27 4.67 7.36
CA ALA B 74 -9.53 3.43 7.13
C ALA B 74 -9.15 2.83 8.47
N GLU B 75 -9.28 1.50 8.60
CA GLU B 75 -8.86 0.75 9.76
C GLU B 75 -7.48 0.27 9.32
N VAL B 76 -6.43 0.77 9.99
CA VAL B 76 -5.04 0.48 9.55
C VAL B 76 -4.26 -0.40 10.51
N THR B 77 -4.97 -1.17 11.35
CA THR B 77 -4.24 -1.99 12.31
C THR B 77 -3.60 -3.20 11.61
N GLN B 78 -4.32 -3.85 10.67
CA GLN B 78 -3.73 -4.98 9.97
C GLN B 78 -2.88 -4.47 8.79
N PRO B 79 -1.62 -4.89 8.63
CA PRO B 79 -0.85 -4.47 7.44
C PRO B 79 -1.53 -5.03 6.19
N SER B 80 -1.68 -4.16 5.18
CA SER B 80 -2.33 -4.56 3.93
C SER B 80 -1.79 -3.65 2.86
N LEU B 81 -1.37 -4.26 1.75
CA LEU B 81 -0.98 -3.48 0.57
C LEU B 81 -2.20 -2.78 0.04
N GLY B 82 -3.39 -3.44 0.08
CA GLY B 82 -4.58 -2.80 -0.51
C GLY B 82 -4.97 -1.54 0.21
N VAL B 83 -5.05 -1.63 1.55
CA VAL B 83 -5.41 -0.42 2.31
C VAL B 83 -4.38 0.71 2.10
N GLY B 84 -3.09 0.35 2.16
CA GLY B 84 -2.05 1.36 1.91
C GLY B 84 -2.23 2.02 0.54
N TYR B 85 -2.47 1.16 -0.49
CA TYR B 85 -2.63 1.66 -1.87
C TYR B 85 -3.82 2.63 -1.93
N GLU B 86 -4.97 2.25 -1.34
CA GLU B 86 -6.15 3.11 -1.35
C GLU B 86 -5.93 4.40 -0.63
N LEU B 87 -5.17 4.38 0.48
CA LEU B 87 -4.82 5.66 1.15
C LEU B 87 -3.88 6.51 0.27
N GLY B 88 -2.95 5.91 -0.45
CA GLY B 88 -2.08 6.67 -1.37
C GLY B 88 -2.91 7.30 -2.49
N ARG B 89 -3.83 6.54 -3.11
CA ARG B 89 -4.68 7.10 -4.16
C ARG B 89 -5.59 8.20 -3.58
N ALA B 90 -6.13 7.99 -2.35
CA ALA B 90 -7.01 8.97 -1.75
C ALA B 90 -6.28 10.27 -1.42
N VAL B 91 -5.02 10.20 -0.96
CA VAL B 91 -4.27 11.45 -0.69
C VAL B 91 -4.04 12.21 -2.02
N ALA B 92 -3.73 11.46 -3.08
CA ALA B 92 -3.52 12.11 -4.35
C ALA B 92 -4.82 12.73 -4.89
N PHE B 93 -5.99 12.22 -4.47
CA PHE B 93 -7.31 12.75 -4.82
C PHE B 93 -7.74 13.88 -3.86
N ASN B 94 -6.86 14.28 -2.94
CA ASN B 94 -7.09 15.32 -1.95
C ASN B 94 -8.32 15.00 -1.09
N LYS B 95 -8.46 13.76 -0.62
CA LYS B 95 -9.60 13.40 0.21
C LYS B 95 -9.31 13.65 1.69
N ARG B 96 -10.39 13.92 2.43
CA ARG B 96 -10.36 14.01 3.88
C ARG B 96 -10.27 12.56 4.36
N ILE B 97 -9.25 12.26 5.21
CA ILE B 97 -8.96 10.90 5.59
C ILE B 97 -8.82 10.81 7.09
N LEU B 98 -9.43 9.76 7.68
CA LEU B 98 -9.27 9.43 9.07
C LEU B 98 -8.78 7.98 9.14
N CYS B 99 -7.60 7.73 9.73
CA CYS B 99 -7.10 6.35 9.94
C CYS B 99 -7.27 6.02 11.39
N LEU B 100 -7.74 4.84 11.68
CA LEU B 100 -7.95 4.27 13.00
C LEU B 100 -6.98 3.11 13.22
N PHE B 101 -6.14 3.22 14.25
CA PHE B 101 -5.13 2.23 14.54
C PHE B 101 -5.30 1.74 16.00
N ARG B 102 -5.14 0.46 16.24
CA ARG B 102 -5.19 -0.10 17.60
C ARG B 102 -3.82 -0.49 18.11
N PRO B 103 -3.23 0.34 18.97
CA PRO B 103 -1.86 -0.01 19.46
C PRO B 103 -1.85 -1.24 20.36
N GLN B 104 -3.00 -1.65 20.95
CA GLN B 104 -3.00 -2.85 21.80
C GLN B 104 -2.67 -4.15 21.02
N SER B 105 -2.84 -4.09 19.69
CA SER B 105 -2.48 -5.22 18.82
C SER B 105 -0.96 -5.53 18.92
N GLY B 106 -0.15 -4.59 19.35
CA GLY B 106 1.30 -4.80 19.40
C GLY B 106 2.01 -4.32 18.13
N ARG B 107 1.23 -4.04 17.06
CA ARG B 107 1.80 -3.54 15.81
C ARG B 107 2.41 -2.14 15.96
N VAL B 108 3.39 -1.80 15.08
CA VAL B 108 3.89 -0.45 14.97
C VAL B 108 3.33 0.06 13.62
N LEU B 109 2.51 1.12 13.64
CA LEU B 109 1.94 1.62 12.39
C LEU B 109 3.03 2.15 11.49
N SER B 110 2.99 1.77 10.20
CA SER B 110 3.99 2.29 9.23
C SER B 110 4.19 3.78 9.34
N ALA B 111 5.49 4.21 9.33
CA ALA B 111 5.78 5.65 9.23
C ALA B 111 5.16 6.35 8.06
N MET B 112 4.93 5.61 6.96
CA MET B 112 4.32 6.23 5.79
C MET B 112 2.85 6.61 6.04
N ILE B 113 2.17 5.92 6.97
CA ILE B 113 0.78 6.27 7.25
C ILE B 113 0.78 7.29 8.39
N ARG B 114 1.51 7.02 9.48
CA ARG B 114 1.59 8.01 10.54
C ARG B 114 2.16 9.33 10.05
N GLY B 115 3.15 9.26 9.19
CA GLY B 115 3.81 10.43 8.63
C GLY B 115 3.02 11.20 7.60
N ALA B 116 1.94 10.57 7.04
CA ALA B 116 1.11 11.30 6.10
C ALA B 116 0.17 12.29 6.81
N ALA B 117 0.06 12.18 8.12
CA ALA B 117 -0.82 13.03 8.87
C ALA B 117 -0.41 14.47 8.77
N ASP B 118 -1.42 15.28 8.53
CA ASP B 118 -1.24 16.71 8.61
C ASP B 118 -2.13 17.24 9.79
N GLY B 119 -2.68 16.31 10.59
CA GLY B 119 -3.50 16.57 11.75
C GLY B 119 -4.85 17.16 11.46
N SER B 120 -5.22 17.48 10.20
CA SER B 120 -6.57 18.05 9.92
C SER B 120 -7.29 17.26 8.78
N ARG B 121 -6.77 17.39 7.59
CA ARG B 121 -7.17 16.69 6.36
C ARG B 121 -6.82 15.20 6.41
N PHE B 122 -5.66 14.85 7.01
CA PHE B 122 -5.28 13.42 7.13
C PHE B 122 -4.93 13.26 8.61
N GLN B 123 -5.80 12.56 9.35
CA GLN B 123 -5.58 12.30 10.76
C GLN B 123 -5.46 10.84 11.01
N VAL B 124 -4.60 10.48 11.97
CA VAL B 124 -4.42 9.09 12.42
C VAL B 124 -4.71 9.08 13.91
N TRP B 125 -5.66 8.29 14.35
CA TRP B 125 -6.03 8.19 15.77
C TRP B 125 -5.76 6.80 16.29
N ASP B 126 -5.04 6.71 17.38
CA ASP B 126 -4.83 5.43 18.08
C ASP B 126 -6.08 5.22 18.95
N TYR B 127 -6.65 4.05 18.95
CA TYR B 127 -7.84 3.78 19.76
C TYR B 127 -7.85 2.36 20.29
N GLU B 128 -8.72 2.14 21.28
CA GLU B 128 -8.96 0.80 21.78
C GLU B 128 -10.30 0.39 21.27
N GLU B 129 -10.47 -0.89 20.86
CA GLU B 129 -11.70 -1.31 20.20
C GLU B 129 -13.04 -0.86 20.85
N GLY B 130 -13.13 -0.81 22.18
CA GLY B 130 -14.39 -0.46 22.83
C GLY B 130 -14.91 0.94 22.57
N GLU B 131 -14.04 1.91 22.24
CA GLU B 131 -14.46 3.30 22.07
C GLU B 131 -14.67 3.76 20.62
N VAL B 132 -14.65 2.85 19.67
CA VAL B 132 -14.71 3.26 18.27
C VAL B 132 -16.00 4.03 17.93
N GLU B 133 -17.16 3.66 18.48
CA GLU B 133 -18.40 4.38 18.16
C GLU B 133 -18.36 5.82 18.64
N ALA B 134 -17.84 6.02 19.85
CA ALA B 134 -17.74 7.38 20.43
C ALA B 134 -16.78 8.27 19.63
N LEU B 135 -15.71 7.66 19.10
CA LEU B 135 -14.69 8.39 18.36
C LEU B 135 -15.24 8.77 16.97
N LEU B 136 -15.95 7.84 16.32
CA LEU B 136 -16.59 8.19 15.03
C LEU B 136 -17.66 9.30 15.26
N ASP B 137 -18.41 9.23 16.37
CA ASP B 137 -19.38 10.32 16.68
C ASP B 137 -18.62 11.62 16.83
N ARG B 138 -17.48 11.59 17.54
CA ARG B 138 -16.69 12.80 17.74
C ARG B 138 -16.22 13.41 16.45
N TYR B 139 -15.67 12.57 15.55
CA TYR B 139 -15.14 13.06 14.30
C TYR B 139 -16.27 13.70 13.46
N PHE B 140 -17.44 13.03 13.36
CA PHE B 140 -18.48 13.52 12.43
C PHE B 140 -19.30 14.68 13.01
N GLU B 141 -19.18 14.94 14.35
CA GLU B 141 -19.88 16.01 15.09
C GLU B 141 -18.91 17.14 15.40
MG MG C . 18.11 11.54 -14.78
C1 A1IZW D . 12.48 0.01 2.12
C2 A1IZW D . 12.71 0.81 1.02
C3 A1IZW D . 11.98 1.99 0.86
N6 A1IZW D . 12.18 5.89 4.38
C7 A1IZW D . 9.80 1.89 3.94
C8 A1IZW D . 8.86 0.93 4.32
C9 A1IZW D . 7.91 1.18 5.31
C10 A1IZW D . 7.90 2.41 5.95
C11 A1IZW D . 8.85 3.37 5.63
C12 A1IZW D . 9.80 3.12 4.62
C13 A1IZW D . 11.63 4.83 4.98
C14 A1IZW D . 12.91 4.91 6.87
C15 A1IZW D . 12.64 3.17 8.57
C16 A1IZW D . 13.28 2.69 9.87
C19 A1IZW D . 9.74 1.99 10.42
C20 A1IZW D . 9.56 1.01 11.38
C21 A1IZW D . 8.25 0.70 11.68
C22 A1IZW D . 7.25 1.38 11.03
C24 A1IZW D . 14.63 6.77 7.02
C27 A1IZW D . 13.81 7.66 4.52
O1 A1IZW D . 5.93 0.51 6.39
C29 A1IZW D . 6.88 0.16 5.67
O2 A1IZW D . 7.00 -1.00 5.19
C5 A1IZW D . 10.79 1.54 2.91
C4 A1IZW D . 11.03 2.33 1.79
C6 A1IZW D . 11.53 0.37 3.07
O A1IZW D . 13.26 -1.12 2.17
C A1IZW D . 13.13 -1.98 3.31
N A1IZW D . 10.68 4.15 4.31
C28 A1IZW D . 13.18 6.53 5.09
C26 A1IZW D . 14.81 8.30 5.22
C25 A1IZW D . 15.21 7.87 6.46
C23 A1IZW D . 13.59 6.07 6.37
N1 A1IZW D . 11.94 4.31 6.18
N2 A1IZW D . 13.21 4.39 8.09
C18 A1IZW D . 11.17 3.36 8.95
N3 A1IZW D . 10.97 2.39 10.01
C17 A1IZW D . 12.22 1.86 10.57
N5 A1IZW D . 8.74 2.62 9.82
N4 A1IZW D . 7.48 2.31 10.13
CL CL E . -14.87 -10.48 -4.55
C1 A1IZW F . -12.87 -3.57 2.85
C2 A1IZW F . -13.34 -2.32 2.51
C3 A1IZW F . -12.82 -1.67 1.38
N6 A1IZW F . -13.52 -4.10 -3.35
C7 A1IZW F . -10.37 -4.23 0.09
C8 A1IZW F . -9.17 -4.62 0.71
C9 A1IZW F . -8.17 -5.26 0.00
C10 A1IZW F . -8.37 -5.54 -1.36
C11 A1IZW F . -9.54 -5.17 -1.98
C12 A1IZW F . -10.54 -4.53 -1.27
C13 A1IZW F . -12.67 -4.82 -2.61
C14 A1IZW F . -13.65 -6.84 -2.95
C15 A1IZW F . -12.74 -8.82 -1.82
C16 A1IZW F . -13.02 -10.31 -1.68
C19 A1IZW F . -9.39 -10.31 -1.98
C20 A1IZW F . -8.90 -11.52 -1.53
C21 A1IZW F . -7.55 -11.74 -1.71
C22 A1IZW F . -6.80 -10.75 -2.31
C24 A1IZW F . -15.73 -6.89 -4.44
C27 A1IZW F . -15.47 -4.13 -4.75
O1 A1IZW F . -5.92 -6.00 0.01
C29 A1IZW F . -6.89 -5.64 0.68
O2 A1IZW F . -6.86 -5.54 1.96
C5 A1IZW F . -11.40 -3.55 0.92
C4 A1IZW F . -11.87 -2.29 0.60
C6 A1IZW F . -11.92 -4.20 2.05
O A1IZW F . -13.39 -4.19 3.97
C A1IZW F . -12.92 -5.48 4.30
N A1IZW F . -11.66 -4.15 -1.98
C28 A1IZW F . -14.53 -4.82 -3.95
C26 A1IZW F . -16.50 -4.82 -5.36
C25 A1IZW F . -16.62 -6.19 -5.21
C23 A1IZW F . -14.65 -6.23 -3.79
N1 A1IZW F . -12.68 -6.12 -2.39
N2 A1IZW F . -13.66 -8.16 -2.73
C18 A1IZW F . -11.30 -8.75 -2.37
N3 A1IZW F . -10.71 -9.98 -1.85
C17 A1IZW F . -11.69 -10.83 -1.16
N5 A1IZW F . -8.64 -9.38 -2.55
N4 A1IZW F . -7.33 -9.60 -2.72
#